data_9BBP
#
_entry.id   9BBP
#
_cell.length_a   45.642
_cell.length_b   64.190
_cell.length_c   104.816
_cell.angle_alpha   90.000
_cell.angle_beta   90.000
_cell.angle_gamma   90.000
#
_symmetry.space_group_name_H-M   'P 21 21 2'
#
loop_
_entity.id
_entity.type
_entity.pdbx_description
1 polymer '3C-like proteinase nsp5'
2 non-polymer GLYCINE
3 non-polymer VALINE
4 non-polymer THREONINE
5 non-polymer PHENYLALANINE
6 non-polymer N-{(2R)-1-amino-3-[(2R,3S)-2-hydroxypyrrolidin-3-yl]propan-2-yl}-N~2~-[4-(6-fluoropyridin-3-yl)benzoyl]-L-leucinamide
7 water water
#
_entity_poly.entity_id   1
_entity_poly.type   'polypeptide(L)'
_entity_poly.pdbx_seq_one_letter_code
;SGFRKMAFPSGKVEGCMVQVTCGTTTLNGLWLDDVVYCPRHVICTSEDMLNPNYEDLLIRKSNHNFLVQAGNVQLRVIGH
SMQNCVLKLKVDTANPKTPKYKFVRIQPGQTFSVLACYNGSPSGVYQCAMRPNFTIKGSFLNGSCGSVGFNIDYDCVSFC
YMHHMELPTGVHAGTDLEGNFYGPFVDRQTAQAAGTDTTITVNVLAWLYAAVINGDRWFLNRFTTTLNDFNLVAMKYNYE
PLTQDHVDILGPLSAQTGIAVLDMCASLKELLQNGMNGRTILGSALLEDEFTPFDVVRQCSGVTFQ
;
_entity_poly.pdbx_strand_id   A
#
# COMPACT_ATOMS: atom_id res chain seq x y z
N SER A 1 -12.75 21.67 -8.54
CA SER A 1 -12.04 22.13 -7.35
C SER A 1 -10.67 21.47 -7.17
N GLY A 2 -10.23 20.68 -8.17
CA GLY A 2 -8.87 20.18 -8.18
C GLY A 2 -8.78 18.76 -7.65
N PHE A 3 -8.07 17.89 -8.35
CA PHE A 3 -7.90 16.51 -7.92
C PHE A 3 -6.41 16.24 -7.76
N ARG A 4 -6.03 15.71 -6.60
CA ARG A 4 -4.63 15.45 -6.31
C ARG A 4 -4.50 14.06 -5.72
N LYS A 5 -3.35 13.40 -5.95
CA LYS A 5 -3.06 12.20 -5.16
C LYS A 5 -2.78 12.62 -3.72
N MET A 6 -3.53 12.07 -2.76
CA MET A 6 -3.47 12.59 -1.40
C MET A 6 -3.49 11.48 -0.37
N ALA A 7 -2.62 11.64 0.62
CA ALA A 7 -2.39 10.65 1.66
C ALA A 7 -3.27 10.96 2.86
N PHE A 8 -3.50 9.93 3.68
CA PHE A 8 -4.19 10.14 4.95
C PHE A 8 -3.33 10.99 5.88
N PRO A 9 -3.96 11.79 6.76
CA PRO A 9 -3.20 12.45 7.83
C PRO A 9 -2.45 11.40 8.65
N SER A 10 -1.16 11.63 8.89
CA SER A 10 -0.29 10.57 9.45
C SER A 10 -0.10 10.61 10.96
N GLY A 11 -0.70 11.57 11.65
CA GLY A 11 -0.33 11.80 13.05
C GLY A 11 -0.60 10.61 13.96
N LYS A 12 -1.75 9.93 13.77
CA LYS A 12 -2.05 8.73 14.55
C LYS A 12 -0.97 7.66 14.40
N VAL A 13 -0.43 7.49 13.19
CA VAL A 13 0.62 6.49 12.98
C VAL A 13 1.99 7.00 13.47
N GLU A 14 2.28 8.29 13.31
CA GLU A 14 3.53 8.85 13.84
C GLU A 14 3.72 8.53 15.32
N GLY A 15 2.62 8.58 16.09
CA GLY A 15 2.67 8.31 17.52
C GLY A 15 3.02 6.89 17.89
N CYS A 16 3.09 5.97 16.91
CA CYS A 16 3.40 4.57 17.16
C CYS A 16 4.76 4.14 16.65
N MET A 17 5.47 5.01 15.95
CA MET A 17 6.74 4.62 15.35
C MET A 17 7.85 4.59 16.41
N VAL A 18 8.66 3.54 16.40
CA VAL A 18 9.80 3.39 17.29
C VAL A 18 10.98 2.83 16.50
N GLN A 19 12.17 2.96 17.09
CA GLN A 19 13.39 2.42 16.52
C GLN A 19 13.71 1.09 17.18
N VAL A 20 14.15 0.11 16.39
CA VAL A 20 14.47 -1.22 16.92
C VAL A 20 15.88 -1.59 16.46
N THR A 21 16.77 -1.84 17.41
CA THR A 21 18.16 -2.16 17.10
C THR A 21 18.51 -3.52 17.68
N CYS A 22 19.09 -4.39 16.86
CA CYS A 22 19.54 -5.71 17.31
C CYS A 22 20.93 -5.92 16.73
N GLY A 23 21.97 -5.80 17.56
CA GLY A 23 23.34 -5.87 17.10
C GLY A 23 23.77 -4.55 16.51
N THR A 24 24.06 -4.52 15.21
CA THR A 24 24.31 -3.28 14.49
C THR A 24 23.23 -2.95 13.47
N THR A 25 22.22 -3.82 13.33
CA THR A 25 21.09 -3.55 12.44
C THR A 25 20.03 -2.76 13.17
N THR A 26 19.59 -1.65 12.56
CA THR A 26 18.52 -0.81 13.08
C THR A 26 17.43 -0.67 12.02
N LEU A 27 16.17 -0.80 12.43
CA LEU A 27 15.08 -0.47 11.51
C LEU A 27 13.92 0.05 12.36
N ASN A 28 12.75 0.18 11.73
CA ASN A 28 11.57 0.73 12.39
C ASN A 28 10.67 -0.36 12.96
N GLY A 29 9.95 0.00 14.02
CA GLY A 29 8.93 -0.86 14.56
C GLY A 29 7.68 -0.08 14.86
N LEU A 30 6.58 -0.82 15.02
CA LEU A 30 5.25 -0.28 15.26
C LEU A 30 4.84 -0.68 16.66
N TRP A 31 4.54 0.31 17.51
CA TRP A 31 4.31 0.14 18.95
C TRP A 31 2.83 0.35 19.23
N LEU A 32 2.12 -0.74 19.51
CA LEU A 32 0.68 -0.69 19.78
C LEU A 32 0.39 -1.39 21.10
N ASP A 33 -0.22 -0.68 22.05
CA ASP A 33 -0.38 -1.21 23.41
C ASP A 33 1.04 -1.59 23.86
N ASP A 34 1.27 -2.79 24.39
CA ASP A 34 2.59 -3.14 24.93
C ASP A 34 3.33 -4.10 24.02
N VAL A 35 3.15 -3.99 22.70
CA VAL A 35 3.84 -4.86 21.76
C VAL A 35 4.44 -4.00 20.64
N VAL A 36 5.70 -4.27 20.28
CA VAL A 36 6.34 -3.67 19.12
C VAL A 36 6.42 -4.72 18.00
N TYR A 37 5.94 -4.36 16.79
CA TYR A 37 6.01 -5.20 15.60
C TYR A 37 7.12 -4.68 14.67
N CYS A 38 7.94 -5.57 14.12
CA CYS A 38 8.99 -5.12 13.21
C CYS A 38 9.39 -6.27 12.31
N PRO A 39 10.08 -6.00 11.19
CA PRO A 39 10.54 -7.09 10.32
C PRO A 39 11.56 -7.97 11.01
N ARG A 40 11.47 -9.28 10.77
CA ARG A 40 12.33 -10.21 11.48
C ARG A 40 13.78 -10.11 11.03
N HIS A 41 14.07 -9.48 9.87
CA HIS A 41 15.48 -9.45 9.49
C HIS A 41 16.27 -8.41 10.27
N VAL A 42 15.66 -7.72 11.23
CA VAL A 42 16.44 -6.94 12.19
C VAL A 42 17.47 -7.83 12.88
N ILE A 43 17.23 -9.15 12.95
CA ILE A 43 18.15 -10.03 13.68
C ILE A 43 19.29 -10.56 12.82
N CYS A 44 19.43 -10.12 11.57
CA CYS A 44 20.52 -10.57 10.72
C CYS A 44 21.70 -9.62 10.79
N THR A 45 22.89 -10.19 10.78
CA THR A 45 24.07 -9.42 10.42
C THR A 45 24.05 -9.16 8.92
N SER A 46 24.95 -8.27 8.48
CA SER A 46 25.04 -7.97 7.06
C SER A 46 25.47 -9.18 6.25
N GLU A 47 25.95 -10.23 6.91
CA GLU A 47 26.48 -11.42 6.26
C GLU A 47 25.51 -12.59 6.30
N ASP A 48 24.44 -12.51 7.10
CA ASP A 48 23.40 -13.55 7.20
C ASP A 48 22.36 -13.45 6.11
N MET A 49 22.48 -12.48 5.21
CA MET A 49 21.32 -12.00 4.50
C MET A 49 21.02 -12.79 3.24
N LEU A 50 22.02 -13.51 2.71
CA LEU A 50 21.82 -14.19 1.44
C LEU A 50 20.80 -15.29 1.58
N ASN A 51 20.76 -15.96 2.74
CA ASN A 51 19.80 -17.03 2.96
C ASN A 51 19.70 -17.32 4.47
N PRO A 52 19.01 -16.48 5.23
CA PRO A 52 19.05 -16.62 6.68
C PRO A 52 18.15 -17.75 7.16
N ASN A 53 18.60 -18.39 8.24
CA ASN A 53 17.75 -19.28 9.04
C ASN A 53 17.28 -18.44 10.22
N TYR A 54 16.08 -17.86 10.08
CA TYR A 54 15.60 -16.91 11.08
C TYR A 54 15.33 -17.58 12.42
N GLU A 55 14.77 -18.80 12.40
CA GLU A 55 14.47 -19.48 13.64
C GLU A 55 15.76 -19.76 14.41
N ASP A 56 16.80 -20.17 13.70
CA ASP A 56 18.10 -20.39 14.32
C ASP A 56 18.69 -19.10 14.88
N LEU A 57 18.66 -18.01 14.10
CA LEU A 57 19.17 -16.73 14.61
C LEU A 57 18.40 -16.27 15.84
N LEU A 58 17.09 -16.50 15.88
CA LEU A 58 16.30 -15.96 16.98
C LEU A 58 16.57 -16.72 18.29
N ILE A 59 16.90 -18.02 18.21
CA ILE A 59 17.01 -18.76 19.46
C ILE A 59 18.26 -18.32 20.21
N ARG A 60 19.22 -17.70 19.50
CA ARG A 60 20.40 -17.10 20.14
C ARG A 60 20.11 -15.74 20.80
N LYS A 61 19.03 -15.05 20.45
CA LYS A 61 18.71 -13.77 21.08
C LYS A 61 17.85 -13.96 22.33
N SER A 62 18.09 -13.11 23.32
CA SER A 62 17.26 -12.92 24.50
C SER A 62 16.70 -11.50 24.50
N ASN A 63 15.77 -11.25 25.44
CA ASN A 63 15.04 -9.98 25.47
C ASN A 63 15.99 -8.78 25.44
N HIS A 64 17.07 -8.83 26.22
CA HIS A 64 17.94 -7.67 26.36
C HIS A 64 18.70 -7.34 25.08
N ASN A 65 18.78 -8.28 24.14
CA ASN A 65 19.49 -8.00 22.90
C ASN A 65 18.72 -7.06 21.97
N PHE A 66 17.48 -6.70 22.30
CA PHE A 66 16.65 -5.86 21.46
C PHE A 66 16.57 -4.48 22.12
N LEU A 67 17.18 -3.49 21.49
CA LEU A 67 17.12 -2.11 21.94
C LEU A 67 15.97 -1.40 21.24
N VAL A 68 14.95 -1.04 21.99
CA VAL A 68 13.80 -0.32 21.45
C VAL A 68 13.81 1.09 22.04
N GLN A 69 13.69 2.10 21.18
CA GLN A 69 13.68 3.47 21.63
C GLN A 69 12.47 4.20 21.02
N ALA A 70 11.68 4.81 21.90
CA ALA A 70 10.57 5.69 21.50
C ALA A 70 11.06 7.11 21.79
N GLY A 71 11.59 7.76 20.76
CA GLY A 71 12.23 9.05 20.99
C GLY A 71 13.53 8.83 21.74
N ASN A 72 13.69 9.58 22.84
CA ASN A 72 14.85 9.46 23.71
C ASN A 72 14.63 8.52 24.89
N VAL A 73 13.65 7.64 24.80
CA VAL A 73 13.27 6.77 25.91
C VAL A 73 13.47 5.33 25.47
N GLN A 74 14.24 4.57 26.23
CA GLN A 74 14.34 3.15 25.98
C GLN A 74 13.09 2.47 26.51
N LEU A 75 12.61 1.47 25.77
CA LEU A 75 11.53 0.58 26.20
C LEU A 75 12.14 -0.79 26.51
N ARG A 76 11.95 -1.23 27.75
CA ARG A 76 12.46 -2.53 28.17
C ARG A 76 11.64 -3.66 27.56
N VAL A 77 12.31 -4.53 26.83
CA VAL A 77 11.69 -5.71 26.21
C VAL A 77 11.56 -6.80 27.26
N ILE A 78 10.36 -7.36 27.41
CA ILE A 78 10.10 -8.41 28.39
C ILE A 78 9.62 -9.71 27.75
N GLY A 79 9.67 -9.81 26.43
CA GLY A 79 9.25 -11.04 25.76
C GLY A 79 9.46 -10.85 24.28
N HIS A 80 9.57 -11.98 23.58
CA HIS A 80 9.76 -11.89 22.13
C HIS A 80 9.30 -13.17 21.46
N SER A 81 8.81 -13.04 20.22
CA SER A 81 8.40 -14.21 19.44
C SER A 81 8.28 -13.80 17.98
N MET A 82 8.30 -14.79 17.10
CA MET A 82 8.26 -14.56 15.66
C MET A 82 6.95 -15.10 15.11
N GLN A 83 6.29 -14.30 14.29
CA GLN A 83 5.03 -14.66 13.64
C GLN A 83 5.24 -14.52 12.14
N ASN A 84 5.41 -15.63 11.43
CA ASN A 84 5.75 -15.56 10.01
C ASN A 84 6.96 -14.64 9.81
N CYS A 85 6.85 -13.55 9.04
CA CYS A 85 8.03 -12.74 8.75
C CYS A 85 8.18 -11.52 9.67
N VAL A 86 7.38 -11.42 10.74
CA VAL A 86 7.52 -10.27 11.63
C VAL A 86 7.92 -10.77 13.00
N LEU A 87 8.55 -9.87 13.74
CA LEU A 87 8.91 -10.08 15.13
C LEU A 87 7.91 -9.34 16.00
N LYS A 88 7.57 -9.94 17.15
CA LYS A 88 6.75 -9.26 18.16
C LYS A 88 7.57 -9.20 19.45
N LEU A 89 7.89 -7.98 19.88
CA LEU A 89 8.60 -7.74 21.14
C LEU A 89 7.61 -7.22 22.16
N LYS A 90 7.39 -7.96 23.24
CA LYS A 90 6.61 -7.42 24.34
C LYS A 90 7.48 -6.44 25.13
N VAL A 91 6.90 -5.30 25.52
CA VAL A 91 7.62 -4.28 26.27
C VAL A 91 6.84 -4.01 27.56
N ASP A 92 7.51 -3.42 28.55
CA ASP A 92 6.87 -3.22 29.85
C ASP A 92 6.04 -1.94 29.92
N THR A 93 5.91 -1.20 28.82
CA THR A 93 5.18 0.06 28.79
C THR A 93 4.18 -0.01 27.65
N ALA A 94 2.91 0.27 27.93
CA ALA A 94 1.93 0.39 26.85
C ALA A 94 2.07 1.76 26.20
N ASN A 95 1.94 1.80 24.88
CA ASN A 95 2.01 3.07 24.16
C ASN A 95 0.82 3.94 24.52
N PRO A 96 1.02 5.09 25.19
CA PRO A 96 -0.13 5.94 25.58
C PRO A 96 -0.80 6.62 24.40
N LYS A 97 -0.23 6.51 23.20
CA LYS A 97 -0.81 7.12 22.01
C LYS A 97 -1.40 6.10 21.04
N THR A 98 -1.59 4.85 21.46
CA THR A 98 -2.18 3.82 20.61
C THR A 98 -3.53 4.31 20.07
N PRO A 99 -3.72 4.37 18.75
CA PRO A 99 -5.05 4.67 18.21
C PRO A 99 -5.92 3.41 18.24
N LYS A 100 -7.22 3.61 18.02
CA LYS A 100 -8.08 2.49 17.70
C LYS A 100 -7.60 1.88 16.38
N TYR A 101 -7.39 0.57 16.33
CA TYR A 101 -6.75 0.01 15.15
C TYR A 101 -7.23 -1.40 14.85
N LYS A 102 -6.99 -1.82 13.60
CA LYS A 102 -7.16 -3.19 13.14
C LYS A 102 -6.01 -3.56 12.23
N PHE A 103 -5.74 -4.87 12.15
CA PHE A 103 -4.85 -5.42 11.14
C PHE A 103 -5.74 -5.98 10.04
N VAL A 104 -5.49 -5.57 8.78
CA VAL A 104 -6.24 -6.05 7.63
C VAL A 104 -5.27 -6.50 6.55
N ARG A 105 -5.71 -7.44 5.72
CA ARG A 105 -4.95 -7.81 4.53
C ARG A 105 -5.72 -7.28 3.33
N ILE A 106 -5.09 -6.39 2.55
CA ILE A 106 -5.80 -5.77 1.45
C ILE A 106 -5.68 -6.65 0.21
N GLN A 107 -6.53 -6.40 -0.71
CA GLN A 107 -6.68 -7.01 -2.01
C GLN A 107 -5.88 -6.22 -3.04
N PRO A 108 -5.40 -6.88 -4.09
CA PRO A 108 -4.81 -6.15 -5.22
C PRO A 108 -5.79 -5.13 -5.74
N GLY A 109 -5.28 -3.96 -6.11
CA GLY A 109 -6.10 -2.89 -6.60
C GLY A 109 -6.48 -1.86 -5.56
N GLN A 110 -6.38 -2.20 -4.27
CA GLN A 110 -6.63 -1.27 -3.19
C GLN A 110 -5.41 -0.38 -2.95
N THR A 111 -5.66 0.77 -2.34
CA THR A 111 -4.62 1.75 -2.05
C THR A 111 -4.43 1.91 -0.54
N PHE A 112 -3.31 2.51 -0.17
CA PHE A 112 -3.06 2.87 1.22
C PHE A 112 -1.98 3.96 1.27
N SER A 113 -1.85 4.62 2.43
CA SER A 113 -0.77 5.58 2.66
C SER A 113 0.42 4.91 3.32
N VAL A 114 1.62 5.29 2.90
CA VAL A 114 2.86 4.85 3.52
C VAL A 114 3.43 6.02 4.29
N LEU A 115 3.76 5.77 5.57
CA LEU A 115 4.61 6.65 6.37
C LEU A 115 6.05 6.12 6.32
N ALA A 116 6.88 6.75 5.48
CA ALA A 116 8.28 6.36 5.34
C ALA A 116 9.07 6.87 6.55
N CYS A 117 9.80 5.97 7.20
CA CYS A 117 10.48 6.24 8.46
C CYS A 117 11.93 5.77 8.41
N TYR A 118 12.80 6.45 9.16
CA TYR A 118 14.20 6.05 9.37
C TYR A 118 14.53 6.24 10.84
N ASN A 119 15.11 5.22 11.48
CA ASN A 119 15.52 5.32 12.88
C ASN A 119 14.34 5.67 13.78
N GLY A 120 13.17 5.16 13.46
CA GLY A 120 12.00 5.40 14.29
C GLY A 120 11.34 6.75 14.08
N SER A 121 11.82 7.59 13.15
CA SER A 121 11.35 8.95 12.95
C SER A 121 10.78 9.13 11.55
N PRO A 122 9.65 9.81 11.41
CA PRO A 122 8.97 9.89 10.11
C PRO A 122 9.68 10.84 9.15
N SER A 123 9.72 10.43 7.89
CA SER A 123 10.34 11.25 6.85
C SER A 123 9.31 11.85 5.90
N GLY A 124 8.26 11.12 5.55
CA GLY A 124 7.23 11.65 4.66
C GLY A 124 6.13 10.64 4.42
N VAL A 125 5.10 11.09 3.72
CA VAL A 125 3.91 10.28 3.53
C VAL A 125 3.51 10.30 2.04
N TYR A 126 3.05 9.16 1.52
CA TYR A 126 2.60 9.11 0.13
C TYR A 126 1.66 7.93 -0.06
N GLN A 127 0.87 8.00 -1.14
CA GLN A 127 -0.13 7.01 -1.46
C GLN A 127 0.42 5.95 -2.40
N CYS A 128 0.04 4.68 -2.18
CA CYS A 128 0.48 3.54 -2.99
C CYS A 128 -0.71 2.64 -3.32
N ALA A 129 -0.63 1.92 -4.43
CA ALA A 129 -1.61 0.87 -4.74
C ALA A 129 -0.94 -0.49 -4.76
N MET A 130 -1.60 -1.49 -4.16
CA MET A 130 -1.20 -2.88 -4.31
C MET A 130 -1.44 -3.29 -5.76
N ARG A 131 -0.37 -3.50 -6.52
CA ARG A 131 -0.54 -3.93 -7.89
C ARG A 131 -1.12 -5.35 -7.98
N PRO A 132 -1.73 -5.70 -9.12
CA PRO A 132 -2.18 -7.09 -9.31
C PRO A 132 -1.05 -8.11 -9.15
N ASN A 133 0.20 -7.71 -9.37
CA ASN A 133 1.33 -8.61 -9.14
C ASN A 133 1.92 -8.47 -7.74
N PHE A 134 1.22 -7.81 -6.81
CA PHE A 134 1.56 -7.77 -5.39
C PHE A 134 2.88 -7.03 -5.09
N THR A 135 3.16 -6.00 -5.88
CA THR A 135 4.21 -5.03 -5.63
C THR A 135 3.60 -3.64 -5.47
N ILE A 136 4.36 -2.71 -4.89
CA ILE A 136 3.99 -1.31 -4.81
C ILE A 136 5.15 -0.48 -5.35
N LYS A 137 4.81 0.70 -5.87
CA LYS A 137 5.80 1.64 -6.39
C LYS A 137 6.01 2.69 -5.30
N GLY A 138 6.98 2.42 -4.41
CA GLY A 138 7.25 3.25 -3.27
C GLY A 138 8.54 4.05 -3.40
N SER A 139 8.98 4.58 -2.26
CA SER A 139 10.23 5.33 -2.18
C SER A 139 10.86 4.95 -0.84
N PHE A 140 11.83 4.04 -0.88
CA PHE A 140 12.40 3.47 0.34
C PHE A 140 13.91 3.35 0.20
N LEU A 141 14.65 3.84 1.21
CA LEU A 141 16.10 3.74 1.33
C LEU A 141 16.48 2.68 2.37
N ASN A 142 17.78 2.43 2.53
CA ASN A 142 18.26 1.59 3.62
C ASN A 142 17.72 2.05 4.97
N GLY A 143 17.30 1.10 5.80
CA GLY A 143 16.74 1.43 7.09
C GLY A 143 15.29 1.84 7.08
N SER A 144 14.61 1.82 5.93
CA SER A 144 13.18 2.11 5.91
C SER A 144 12.31 0.93 6.32
N CYS A 145 12.89 -0.26 6.46
CA CYS A 145 12.07 -1.44 6.72
C CYS A 145 11.34 -1.27 8.04
N GLY A 146 10.14 -1.84 8.10
CA GLY A 146 9.26 -1.60 9.24
C GLY A 146 8.40 -0.36 9.12
N SER A 147 8.61 0.49 8.10
CA SER A 147 7.60 1.50 7.77
C SER A 147 6.30 0.80 7.39
N VAL A 148 5.18 1.43 7.70
CA VAL A 148 3.89 0.76 7.55
C VAL A 148 3.00 1.52 6.56
N GLY A 149 2.09 0.76 5.95
CA GLY A 149 0.99 1.30 5.18
C GLY A 149 -0.35 1.16 5.91
N PHE A 150 -1.28 2.06 5.61
CA PHE A 150 -2.51 2.13 6.41
C PHE A 150 -3.57 2.93 5.67
N ASN A 151 -4.82 2.67 6.08
CA ASN A 151 -6.00 3.49 5.80
C ASN A 151 -6.60 3.97 7.12
N ILE A 152 -7.38 5.05 7.06
CA ILE A 152 -8.17 5.47 8.20
C ILE A 152 -9.64 5.47 7.81
N ASP A 153 -10.52 5.05 8.72
CA ASP A 153 -11.92 5.43 8.64
C ASP A 153 -12.35 6.06 9.97
N TYR A 154 -12.94 7.24 9.89
CA TYR A 154 -13.28 8.05 11.05
C TYR A 154 -12.11 8.08 12.01
N ASP A 155 -12.07 7.16 12.96
CA ASP A 155 -11.03 7.18 13.97
C ASP A 155 -10.17 5.91 14.00
N CYS A 156 -10.49 4.90 13.20
CA CYS A 156 -9.84 3.59 13.24
C CYS A 156 -8.74 3.50 12.19
N VAL A 157 -7.53 3.14 12.63
CA VAL A 157 -6.40 2.95 11.70
C VAL A 157 -6.33 1.47 11.36
N SER A 158 -6.51 1.15 10.06
CA SER A 158 -6.35 -0.21 9.55
C SER A 158 -4.96 -0.31 8.92
N PHE A 159 -4.04 -0.98 9.62
CA PHE A 159 -2.70 -1.21 9.10
C PHE A 159 -2.76 -2.40 8.14
N CYS A 160 -2.14 -2.26 6.97
CA CYS A 160 -2.20 -3.32 5.98
C CYS A 160 -0.85 -3.71 5.38
N TYR A 161 0.23 -2.99 5.66
CA TYR A 161 1.48 -3.23 4.96
C TYR A 161 2.64 -2.94 5.88
N MET A 162 3.69 -3.74 5.77
CA MET A 162 4.95 -3.44 6.45
C MET A 162 6.05 -3.70 5.45
N HIS A 163 6.98 -2.75 5.35
CA HIS A 163 7.94 -2.82 4.24
C HIS A 163 9.12 -3.75 4.55
N HIS A 164 9.49 -4.61 3.57
CA HIS A 164 10.64 -5.50 3.73
C HIS A 164 11.72 -5.40 2.65
N MET A 165 11.39 -5.10 1.40
CA MET A 165 12.46 -5.29 0.42
C MET A 165 12.16 -4.57 -0.89
N GLU A 166 13.20 -4.41 -1.70
CA GLU A 166 13.11 -3.91 -3.06
C GLU A 166 13.48 -5.02 -4.05
N LEU A 167 12.79 -5.05 -5.20
CA LEU A 167 13.00 -6.02 -6.27
C LEU A 167 13.88 -5.42 -7.37
N PRO A 168 14.48 -6.25 -8.22
CA PRO A 168 15.40 -5.73 -9.25
C PRO A 168 14.77 -4.71 -10.19
N THR A 169 13.45 -4.71 -10.37
CA THR A 169 12.82 -3.75 -11.26
C THR A 169 12.63 -2.38 -10.61
N GLY A 170 12.90 -2.27 -9.31
CA GLY A 170 12.76 -1.02 -8.60
C GLY A 170 11.50 -0.89 -7.78
N VAL A 171 10.61 -1.90 -7.81
CA VAL A 171 9.35 -1.84 -7.06
C VAL A 171 9.58 -2.53 -5.72
N HIS A 172 8.56 -2.54 -4.86
CA HIS A 172 8.74 -2.88 -3.46
C HIS A 172 7.78 -3.97 -3.02
N ALA A 173 8.21 -4.73 -2.00
CA ALA A 173 7.47 -5.89 -1.53
C ALA A 173 7.49 -5.91 -0.01
N GLY A 174 6.42 -6.40 0.59
CA GLY A 174 6.31 -6.42 2.02
C GLY A 174 5.21 -7.37 2.47
N THR A 175 4.87 -7.29 3.75
CA THR A 175 3.93 -8.23 4.38
C THR A 175 2.71 -7.50 4.94
N ASP A 176 1.67 -8.27 5.29
CA ASP A 176 0.68 -7.71 6.20
C ASP A 176 1.26 -7.67 7.61
N LEU A 177 0.46 -7.25 8.58
CA LEU A 177 0.95 -7.12 9.96
C LEU A 177 0.94 -8.45 10.72
N GLU A 178 0.44 -9.51 10.10
CA GLU A 178 0.66 -10.87 10.57
C GLU A 178 1.93 -11.48 9.99
N GLY A 179 2.70 -10.72 9.21
CA GLY A 179 3.97 -11.19 8.69
C GLY A 179 3.91 -12.01 7.43
N ASN A 180 2.76 -12.12 6.78
CA ASN A 180 2.62 -12.85 5.53
C ASN A 180 2.85 -11.94 4.35
N PHE A 181 3.77 -12.32 3.46
CA PHE A 181 4.06 -11.50 2.30
C PHE A 181 2.85 -11.36 1.39
N TYR A 182 2.72 -10.19 0.79
CA TYR A 182 1.90 -10.07 -0.40
C TYR A 182 2.71 -10.61 -1.58
N GLY A 183 2.14 -11.53 -2.35
CA GLY A 183 2.82 -12.09 -3.49
C GLY A 183 3.80 -13.19 -3.14
N PRO A 184 4.55 -13.71 -4.15
CA PRO A 184 5.39 -14.89 -3.94
C PRO A 184 6.81 -14.55 -3.56
N PHE A 185 7.02 -13.61 -2.64
CA PHE A 185 8.34 -13.13 -2.29
C PHE A 185 8.76 -13.68 -0.94
N VAL A 186 10.07 -13.76 -0.72
CA VAL A 186 10.63 -14.14 0.57
C VAL A 186 11.59 -13.06 1.04
N ASP A 187 11.82 -12.99 2.35
CA ASP A 187 12.73 -11.99 2.92
C ASP A 187 14.16 -12.54 2.96
N ARG A 188 14.80 -12.51 1.80
CA ARG A 188 16.23 -12.78 1.74
C ARG A 188 16.82 -11.98 0.59
N GLN A 189 18.13 -11.77 0.66
CA GLN A 189 18.86 -11.01 -0.34
C GLN A 189 19.17 -11.88 -1.54
N THR A 190 18.16 -12.07 -2.38
CA THR A 190 18.34 -12.79 -3.63
C THR A 190 17.46 -12.11 -4.68
N ALA A 191 17.81 -12.30 -5.95
CA ALA A 191 17.04 -11.68 -7.02
C ALA A 191 15.68 -12.37 -7.14
N GLN A 192 14.61 -11.57 -7.15
CA GLN A 192 13.26 -12.09 -7.22
C GLN A 192 12.47 -11.27 -8.23
N ALA A 193 11.79 -11.95 -9.12
CA ALA A 193 11.08 -11.31 -10.22
C ALA A 193 9.61 -11.11 -9.86
N ALA A 194 9.11 -9.91 -10.09
CA ALA A 194 7.69 -9.63 -9.95
C ALA A 194 6.93 -10.26 -11.11
N GLY A 195 5.72 -10.77 -10.83
CA GLY A 195 4.85 -11.26 -11.87
C GLY A 195 4.60 -10.21 -12.96
N THR A 196 3.99 -10.66 -14.05
CA THR A 196 3.52 -9.73 -15.08
C THR A 196 2.34 -8.93 -14.54
N ASP A 197 2.40 -7.61 -14.64
CA ASP A 197 1.37 -6.77 -14.06
C ASP A 197 0.19 -6.59 -15.04
N THR A 198 -0.88 -5.97 -14.54
CA THR A 198 -2.11 -5.72 -15.30
C THR A 198 -2.63 -4.35 -14.91
N THR A 199 -3.41 -3.72 -15.82
CA THR A 199 -4.02 -2.43 -15.47
C THR A 199 -5.31 -2.62 -14.68
N ILE A 200 -5.47 -1.84 -13.61
CA ILE A 200 -6.62 -2.00 -12.72
C ILE A 200 -7.79 -1.22 -13.34
N THR A 201 -8.66 -1.93 -14.06
CA THR A 201 -9.71 -1.29 -14.86
C THR A 201 -10.67 -0.44 -14.03
N VAL A 202 -11.15 -0.97 -12.90
CA VAL A 202 -12.14 -0.23 -12.13
C VAL A 202 -11.54 1.07 -11.60
N ASN A 203 -10.22 1.11 -11.34
CA ASN A 203 -9.58 2.34 -10.90
C ASN A 203 -9.47 3.35 -12.02
N VAL A 204 -9.12 2.91 -13.23
CA VAL A 204 -9.14 3.84 -14.37
C VAL A 204 -10.50 4.51 -14.50
N LEU A 205 -11.57 3.73 -14.40
CA LEU A 205 -12.89 4.32 -14.48
C LEU A 205 -13.14 5.31 -13.35
N ALA A 206 -12.67 4.98 -12.12
CA ALA A 206 -12.86 5.93 -11.02
C ALA A 206 -12.19 7.25 -11.34
N TRP A 207 -10.99 7.18 -11.90
CA TRP A 207 -10.21 8.36 -12.24
C TRP A 207 -10.87 9.17 -13.36
N LEU A 208 -11.57 8.52 -14.31
CA LEU A 208 -12.31 9.28 -15.32
C LEU A 208 -13.47 10.06 -14.69
N TYR A 209 -14.13 9.49 -13.69
CA TYR A 209 -15.15 10.22 -12.97
C TYR A 209 -14.54 11.41 -12.26
N ALA A 210 -13.37 11.21 -11.63
CA ALA A 210 -12.69 12.33 -11.00
C ALA A 210 -12.35 13.43 -12.00
N ALA A 211 -11.96 13.03 -13.22
CA ALA A 211 -11.64 14.01 -14.25
C ALA A 211 -12.86 14.85 -14.61
N VAL A 212 -14.00 14.18 -14.87
CA VAL A 212 -15.22 14.89 -15.21
C VAL A 212 -15.62 15.85 -14.09
N ILE A 213 -15.54 15.40 -12.83
CA ILE A 213 -15.92 16.26 -11.70
C ILE A 213 -15.07 17.53 -11.67
N ASN A 214 -13.83 17.47 -12.17
CA ASN A 214 -12.86 18.55 -12.05
C ASN A 214 -12.52 19.25 -13.36
N GLY A 215 -13.37 19.14 -14.37
CA GLY A 215 -13.26 20.00 -15.54
C GLY A 215 -12.81 19.35 -16.83
N ASP A 216 -12.38 18.10 -16.81
CA ASP A 216 -11.89 17.42 -18.02
C ASP A 216 -13.00 16.49 -18.51
N ARG A 217 -13.75 16.94 -19.53
CA ARG A 217 -14.89 16.18 -20.04
C ARG A 217 -14.81 15.86 -21.52
N TRP A 218 -13.70 16.17 -22.20
CA TRP A 218 -13.66 16.01 -23.65
C TRP A 218 -13.80 14.56 -24.11
N PHE A 219 -13.48 13.58 -23.26
CA PHE A 219 -13.53 12.17 -23.66
C PHE A 219 -14.91 11.54 -23.53
N LEU A 220 -15.92 12.23 -22.98
CA LEU A 220 -17.26 11.65 -22.88
C LEU A 220 -17.88 11.54 -24.27
N ASN A 221 -18.51 10.40 -24.56
CA ASN A 221 -19.17 10.23 -25.86
C ASN A 221 -20.65 9.92 -25.64
N ARG A 222 -21.40 9.82 -26.74
CA ARG A 222 -22.85 9.68 -26.65
C ARG A 222 -23.31 8.24 -26.49
N PHE A 223 -22.39 7.29 -26.37
CA PHE A 223 -22.65 5.87 -26.46
C PHE A 223 -22.77 5.20 -25.10
N THR A 224 -23.44 4.06 -25.09
CA THR A 224 -23.36 3.10 -23.99
C THR A 224 -22.70 1.82 -24.48
N THR A 225 -22.55 0.84 -23.58
CA THR A 225 -21.98 -0.44 -23.95
C THR A 225 -22.45 -1.48 -22.94
N THR A 226 -22.23 -2.75 -23.28
CA THR A 226 -22.46 -3.81 -22.30
C THR A 226 -21.13 -4.20 -21.66
N LEU A 227 -21.24 -4.78 -20.47
CA LEU A 227 -20.05 -5.22 -19.76
C LEU A 227 -19.26 -6.22 -20.62
N ASN A 228 -19.97 -7.11 -21.30
CA ASN A 228 -19.29 -8.11 -22.13
C ASN A 228 -18.59 -7.46 -23.33
N ASP A 229 -19.23 -6.48 -23.98
CA ASP A 229 -18.58 -5.86 -25.13
C ASP A 229 -17.37 -5.03 -24.71
N PHE A 230 -17.45 -4.36 -23.56
CA PHE A 230 -16.29 -3.65 -23.05
C PHE A 230 -15.10 -4.59 -22.81
N ASN A 231 -15.34 -5.72 -22.14
CA ASN A 231 -14.23 -6.60 -21.79
C ASN A 231 -13.60 -7.22 -23.02
N LEU A 232 -14.39 -7.51 -24.06
CA LEU A 232 -13.79 -8.01 -25.30
C LEU A 232 -12.82 -7.00 -25.90
N VAL A 233 -13.11 -5.70 -25.76
CA VAL A 233 -12.20 -4.69 -26.31
C VAL A 233 -10.99 -4.51 -25.39
N ALA A 234 -11.22 -4.46 -24.07
CA ALA A 234 -10.16 -4.12 -23.15
C ALA A 234 -9.13 -5.23 -22.94
N MET A 235 -9.49 -6.49 -23.17
CA MET A 235 -8.55 -7.53 -22.77
C MET A 235 -7.28 -7.48 -23.62
N LYS A 236 -7.37 -6.96 -24.85
CA LYS A 236 -6.18 -6.82 -25.69
C LYS A 236 -5.17 -5.81 -25.14
N TYR A 237 -5.60 -4.86 -24.31
CA TYR A 237 -4.70 -3.85 -23.77
C TYR A 237 -4.22 -4.19 -22.38
N ASN A 238 -4.34 -5.45 -21.96
CA ASN A 238 -3.84 -5.94 -20.67
C ASN A 238 -4.54 -5.20 -19.52
N TYR A 239 -5.83 -4.98 -19.68
CA TYR A 239 -6.69 -4.48 -18.61
C TYR A 239 -7.34 -5.68 -17.95
N GLU A 240 -7.44 -5.66 -16.63
CA GLU A 240 -8.12 -6.75 -15.94
C GLU A 240 -9.62 -6.73 -16.26
N PRO A 241 -10.27 -7.90 -16.25
CA PRO A 241 -11.70 -7.95 -16.59
C PRO A 241 -12.51 -7.13 -15.60
N LEU A 242 -13.50 -6.41 -16.13
CA LEU A 242 -14.44 -5.66 -15.31
C LEU A 242 -15.60 -6.58 -14.94
N THR A 243 -15.81 -6.79 -13.65
CA THR A 243 -16.85 -7.65 -13.10
C THR A 243 -18.08 -6.83 -12.72
N GLN A 244 -19.21 -7.54 -12.55
CA GLN A 244 -20.41 -6.85 -12.10
C GLN A 244 -20.21 -6.25 -10.71
N ASP A 245 -19.39 -6.88 -9.86
CA ASP A 245 -19.09 -6.27 -8.57
C ASP A 245 -18.39 -4.92 -8.74
N HIS A 246 -17.50 -4.82 -9.75
CA HIS A 246 -16.82 -3.55 -10.03
C HIS A 246 -17.79 -2.48 -10.49
N VAL A 247 -18.74 -2.85 -11.36
CA VAL A 247 -19.78 -1.92 -11.79
C VAL A 247 -20.56 -1.40 -10.59
N ASP A 248 -20.88 -2.30 -9.66
CA ASP A 248 -21.64 -1.91 -8.49
C ASP A 248 -20.86 -0.99 -7.57
N ILE A 249 -19.55 -1.24 -7.42
CA ILE A 249 -18.68 -0.41 -6.60
C ILE A 249 -18.58 1.00 -7.16
N LEU A 250 -18.63 1.14 -8.49
CA LEU A 250 -18.68 2.43 -9.18
C LEU A 250 -20.04 3.12 -9.08
N GLY A 251 -21.08 2.42 -8.63
CA GLY A 251 -22.42 2.96 -8.62
C GLY A 251 -22.61 4.32 -7.97
N PRO A 252 -22.08 4.52 -6.76
CA PRO A 252 -22.26 5.83 -6.12
C PRO A 252 -21.67 6.99 -6.93
N LEU A 253 -20.54 6.78 -7.62
CA LEU A 253 -19.96 7.85 -8.44
C LEU A 253 -20.83 8.15 -9.67
N SER A 254 -21.48 7.13 -10.25
CA SER A 254 -22.42 7.38 -11.34
C SER A 254 -23.58 8.26 -10.88
N ALA A 255 -24.10 7.99 -9.69
CA ALA A 255 -25.20 8.79 -9.13
C ALA A 255 -24.76 10.21 -8.78
N GLN A 256 -23.52 10.39 -8.34
CA GLN A 256 -23.06 11.75 -8.05
C GLN A 256 -22.94 12.60 -9.31
N THR A 257 -22.43 12.03 -10.42
CA THR A 257 -22.12 12.79 -11.64
C THR A 257 -23.20 12.74 -12.71
N GLY A 258 -24.20 11.88 -12.56
CA GLY A 258 -25.17 11.71 -13.60
C GLY A 258 -24.72 10.93 -14.81
N ILE A 259 -23.56 10.27 -14.76
CA ILE A 259 -23.03 9.51 -15.89
C ILE A 259 -23.05 8.03 -15.51
N ALA A 260 -23.83 7.25 -16.25
CA ALA A 260 -24.01 5.85 -15.94
C ALA A 260 -22.69 5.12 -16.08
N VAL A 261 -22.48 4.11 -15.22
CA VAL A 261 -21.21 3.37 -15.25
C VAL A 261 -20.95 2.84 -16.65
N LEU A 262 -21.96 2.31 -17.33
CA LEU A 262 -21.70 1.74 -18.65
C LEU A 262 -21.48 2.81 -19.72
N ASP A 263 -21.95 4.04 -19.46
CA ASP A 263 -21.63 5.17 -20.33
C ASP A 263 -20.16 5.53 -20.23
N MET A 264 -19.63 5.57 -19.01
CA MET A 264 -18.21 5.81 -18.81
C MET A 264 -17.37 4.68 -19.41
N CYS A 265 -17.85 3.44 -19.30
CA CYS A 265 -17.14 2.32 -19.92
C CYS A 265 -17.03 2.51 -21.43
N ALA A 266 -18.08 3.04 -22.05
CA ALA A 266 -18.02 3.34 -23.49
C ALA A 266 -16.97 4.41 -23.79
N SER A 267 -16.84 5.43 -22.92
CA SER A 267 -15.77 6.40 -23.13
C SER A 267 -14.39 5.76 -22.98
N LEU A 268 -14.22 4.88 -22.01
CA LEU A 268 -12.92 4.23 -21.85
C LEU A 268 -12.62 3.31 -23.03
N LYS A 269 -13.64 2.62 -23.53
CA LYS A 269 -13.44 1.78 -24.71
C LYS A 269 -12.90 2.60 -25.89
N GLU A 270 -13.46 3.80 -26.10
CA GLU A 270 -13.00 4.68 -27.17
C GLU A 270 -11.56 5.16 -26.94
N LEU A 271 -11.20 5.49 -25.70
CA LEU A 271 -9.83 5.95 -25.41
C LEU A 271 -8.82 4.83 -25.63
N LEU A 272 -9.19 3.59 -25.32
CA LEU A 272 -8.26 2.48 -25.54
C LEU A 272 -7.98 2.28 -27.03
N GLN A 273 -9.02 2.31 -27.85
CA GLN A 273 -8.79 1.98 -29.26
C GLN A 273 -8.33 3.16 -30.08
N ASN A 274 -8.55 4.40 -29.61
CA ASN A 274 -8.18 5.59 -30.38
C ASN A 274 -7.01 6.36 -29.81
N GLY A 275 -6.71 6.19 -28.53
CA GLY A 275 -5.69 7.00 -27.89
C GLY A 275 -6.22 8.36 -27.47
N MET A 276 -5.30 9.18 -26.98
CA MET A 276 -5.63 10.49 -26.45
C MET A 276 -5.42 11.61 -27.47
N ASN A 277 -4.63 11.33 -28.51
CA ASN A 277 -4.46 12.22 -29.65
C ASN A 277 -4.12 13.65 -29.20
N GLY A 278 -3.02 13.75 -28.45
CA GLY A 278 -2.48 15.02 -28.04
C GLY A 278 -3.15 15.68 -26.86
N ARG A 279 -4.29 15.18 -26.40
CA ARG A 279 -4.98 15.75 -25.25
C ARG A 279 -4.51 15.06 -23.96
N THR A 280 -4.83 15.67 -22.83
CA THR A 280 -4.53 15.10 -21.52
C THR A 280 -5.79 15.00 -20.68
N ILE A 281 -5.71 14.20 -19.62
CA ILE A 281 -6.80 14.05 -18.66
C ILE A 281 -6.20 14.29 -17.29
N LEU A 282 -6.70 15.31 -16.57
CA LEU A 282 -6.12 15.71 -15.29
C LEU A 282 -4.60 15.89 -15.41
N GLY A 283 -4.17 16.54 -16.50
CA GLY A 283 -2.76 16.77 -16.74
C GLY A 283 -1.94 15.59 -17.21
N SER A 284 -2.52 14.40 -17.34
CA SER A 284 -1.77 13.19 -17.64
C SER A 284 -1.96 12.76 -19.09
N ALA A 285 -0.91 12.24 -19.70
CA ALA A 285 -1.00 11.69 -21.04
C ALA A 285 -1.25 10.19 -21.04
N LEU A 286 -1.32 9.57 -19.86
CA LEU A 286 -1.57 8.16 -19.70
C LEU A 286 -2.81 8.00 -18.82
N LEU A 287 -3.50 6.88 -18.94
CA LEU A 287 -4.64 6.60 -18.07
C LEU A 287 -4.11 6.11 -16.73
N GLU A 288 -4.62 6.67 -15.64
CA GLU A 288 -4.12 6.36 -14.31
C GLU A 288 -5.03 5.38 -13.60
N ASP A 289 -4.44 4.38 -12.92
CA ASP A 289 -5.19 3.33 -12.26
C ASP A 289 -4.83 3.15 -10.78
N GLU A 290 -4.25 4.18 -10.16
CA GLU A 290 -3.83 4.12 -8.76
C GLU A 290 -4.81 4.82 -7.81
N PHE A 291 -6.01 5.21 -8.29
CA PHE A 291 -7.09 5.70 -7.41
C PHE A 291 -8.27 4.73 -7.41
N THR A 292 -8.70 4.32 -6.20
CA THR A 292 -9.92 3.51 -6.11
C THR A 292 -11.19 4.36 -6.18
N PRO A 293 -12.33 3.73 -6.46
CA PRO A 293 -13.61 4.44 -6.35
C PRO A 293 -13.78 5.13 -5.01
N PHE A 294 -13.36 4.48 -3.92
CA PHE A 294 -13.51 5.16 -2.62
C PHE A 294 -12.55 6.34 -2.48
N ASP A 295 -11.33 6.25 -3.03
CA ASP A 295 -10.40 7.38 -3.02
C ASP A 295 -11.03 8.61 -3.66
N VAL A 296 -11.73 8.43 -4.78
CA VAL A 296 -12.34 9.56 -5.47
C VAL A 296 -13.50 10.14 -4.65
N VAL A 297 -14.34 9.27 -4.11
CA VAL A 297 -15.49 9.74 -3.32
C VAL A 297 -15.03 10.50 -2.08
N ARG A 298 -14.04 9.95 -1.37
CA ARG A 298 -13.50 10.58 -0.17
C ARG A 298 -12.96 11.98 -0.49
N GLN A 299 -12.20 12.10 -1.58
CA GLN A 299 -11.65 13.39 -1.96
C GLN A 299 -12.73 14.34 -2.48
N CYS A 300 -13.65 13.85 -3.30
CA CYS A 300 -14.60 14.76 -3.92
C CYS A 300 -15.77 15.11 -3.00
N SER A 301 -15.89 14.47 -1.85
CA SER A 301 -16.97 14.78 -0.91
C SER A 301 -16.41 15.37 0.38
#